data_6TO1
#
_entry.id   6TO1
#
_cell.length_a   50.720
_cell.length_b   72.810
_cell.length_c   184.490
_cell.angle_alpha   90.000
_cell.angle_beta   90.000
_cell.angle_gamma   90.000
#
_symmetry.space_group_name_H-M   'P 21 21 21'
#
loop_
_entity.id
_entity.type
_entity.pdbx_description
1 polymer 'Minor fimbrium subunit Mfa5'
2 non-polymer 'MAGNESIUM ION'
3 non-polymer 'PHOSPHATE ION'
4 non-polymer 'CALCIUM ION'
5 water water
#
_entity_poly.entity_id   1
_entity_poly.type   'polypeptide(L)'
_entity_poly.pdbx_seq_one_letter_code
;GAMFQIKARPYERFADVEKPWIQKHSMDSKLVPANKGNLIQAEIVYQSVSEHSDLVISPVNEIRPANRFPSHRKSFFAEN
LRASPPVVPVAVDKYAVPVANPMDPENPNAWDVTLKITTKAVTVPVDVVMVIDQSSSMGGQNIARLKSAIASGQRFVKKM
LPKGMATEGVRIALVSYDHEPHRLSDFTKDTAFLCQKIRALTPIWGTHTQGGLKMARNIMATSTAVDKHIILMSDGLATE
QYPVKNVTTADFIGETGNANDPIDLVIQGAINFPTNYVSNNPSTPLTPNYPTHSSKVGRRNLPESKFDYSNLSARITFDG
VAGALVYEPRFPHPYYYYFPCNAAINEAQFAKNSGYTIHTIGYDLGDFALANNSLKLTATDENHFFTATPANLAAAFDNI
AQTINIGIQRGEVTDFVAPGFIVKNLTQSGDVTHLLNVSNGTVHYDVSTKKLTWTTGTILSSSEATITYRIYADLDYIQN
NDIPVNTTSAIGPDLGGFDTNTEAKLTYTNSNGESNQQLIFPRPTVKLGYGVIKRHYVLVNKDGQPIQANGTVVSSLSEA
HVLQSQDFFLPSGGGHIVPKWIKLDKTTEALQYYSVPPTNTVITTADGKRYRFVEVPGSTPNPGQIGISWKKPAGNAYFA
YKLLNYWMGGTTDQQSEWDVTSNWTGAQVPLTGEDVEFATTENFGSPAVADLHVPTTNPKIIGNLINNSDKDLVVTTNSQ
LTINGVVEDNNPNVGTIVVKSSKDNPTGTLLFANPGYNQNVGGTVEFYNQGYDCADCGMYRRSWQYFGIPVNESGFPIND
VGGNETVNQWVEPFNGDKWRPAPYAPDTKLQKFKGYQITNDVQAQPTGVYSFKGTLCVCDAFLNLTRTSGVNYSGANLIG
NSYTGAIDIKQGIVFPPEVEQTVYLFNTGTRDQWRKLNGSTVSGFRAGQYLSVPKNTAGQDNLPDRIPSMHSFLVKMQNG
ASCTLQILYDKLLKNTTVNNGNGTQITWRSGNSGSANMPSLVMDVLGNESADRLWIFTDGGLSFGFD
;
_entity_poly.pdbx_strand_id   A
#
loop_
_chem_comp.id
_chem_comp.type
_chem_comp.name
_chem_comp.formula
CA non-polymer 'CALCIUM ION' 'Ca 2'
MG non-polymer 'MAGNESIUM ION' 'Mg 2'
PO4 non-polymer 'PHOSPHATE ION' 'O4 P -3'
#
# COMPACT_ATOMS: atom_id res chain seq x y z
N ARG A 82 -9.13 14.99 -0.83
CA ARG A 82 -10.45 15.00 -1.49
C ARG A 82 -10.52 13.81 -2.45
N ALA A 83 -9.83 13.92 -3.59
CA ALA A 83 -9.74 12.79 -4.51
C ALA A 83 -9.07 11.61 -3.82
N SER A 84 -9.48 10.43 -4.21
CA SER A 84 -8.91 9.25 -3.57
C SER A 84 -7.57 8.89 -4.21
N PRO A 85 -6.59 8.51 -3.42
CA PRO A 85 -5.31 8.07 -3.99
C PRO A 85 -5.49 6.75 -4.70
N PRO A 86 -4.52 6.35 -5.53
CA PRO A 86 -4.54 4.99 -6.09
C PRO A 86 -4.58 3.94 -4.98
N VAL A 87 -5.18 2.80 -5.30
CA VAL A 87 -5.23 1.66 -4.38
C VAL A 87 -3.89 0.93 -4.36
N VAL A 88 -3.47 0.51 -3.16
CA VAL A 88 -2.21 -0.22 -3.02
C VAL A 88 -2.35 -1.61 -3.62
N PRO A 89 -1.47 -2.02 -4.53
CA PRO A 89 -1.60 -3.35 -5.14
C PRO A 89 -1.38 -4.44 -4.13
N VAL A 90 -2.13 -5.52 -4.31
CA VAL A 90 -2.07 -6.70 -3.48
C VAL A 90 -1.96 -7.91 -4.40
N ALA A 91 -1.15 -8.89 -4.01
CA ALA A 91 -1.05 -10.14 -4.75
C ALA A 91 -0.91 -11.28 -3.76
N VAL A 92 -1.35 -12.46 -4.17
CA VAL A 92 -1.29 -13.63 -3.30
C VAL A 92 -0.50 -14.72 -3.98
N ASP A 93 0.12 -15.58 -3.18
CA ASP A 93 0.87 -16.71 -3.71
C ASP A 93 0.76 -17.85 -2.69
N LYS A 94 0.96 -19.05 -3.18
CA LYS A 94 0.85 -20.24 -2.36
C LYS A 94 1.73 -21.30 -2.99
N TYR A 95 2.44 -22.06 -2.16
CA TYR A 95 3.25 -23.13 -2.69
C TYR A 95 3.51 -24.17 -1.61
N ALA A 96 3.79 -25.39 -2.08
CA ALA A 96 4.10 -26.53 -1.21
C ALA A 96 5.56 -26.92 -1.44
N VAL A 97 6.36 -26.90 -0.38
CA VAL A 97 7.77 -27.22 -0.49
C VAL A 97 7.98 -28.62 0.12
N PRO A 98 8.48 -29.59 -0.65
CA PRO A 98 8.75 -30.90 -0.06
C PRO A 98 9.75 -30.77 1.07
N VAL A 99 9.50 -31.50 2.15
CA VAL A 99 10.37 -31.49 3.32
C VAL A 99 11.54 -32.41 3.02
N ALA A 100 12.76 -31.85 3.04
CA ALA A 100 13.95 -32.59 2.66
C ALA A 100 15.17 -32.02 3.35
N ASN A 101 16.21 -32.87 3.46
CA ASN A 101 17.48 -32.51 4.07
C ASN A 101 17.30 -31.71 5.34
N PRO A 102 16.77 -32.30 6.41
CA PRO A 102 16.36 -33.70 6.47
C PRO A 102 14.89 -33.91 6.14
N MET A 103 14.57 -35.11 5.65
CA MET A 103 13.18 -35.51 5.49
C MET A 103 12.49 -35.57 6.85
N ASP A 104 11.17 -35.43 6.82
CA ASP A 104 10.40 -35.52 8.06
C ASP A 104 10.50 -36.95 8.58
N PRO A 105 10.85 -37.14 9.85
CA PRO A 105 11.08 -38.52 10.34
C PRO A 105 9.79 -39.28 10.60
N GLU A 106 8.71 -38.58 10.97
CA GLU A 106 7.45 -39.25 11.23
C GLU A 106 6.82 -39.79 9.95
N ASN A 107 6.90 -39.03 8.86
CA ASN A 107 6.28 -39.43 7.60
C ASN A 107 6.99 -38.65 6.51
N PRO A 108 7.76 -39.32 5.65
CA PRO A 108 8.52 -38.59 4.63
C PRO A 108 7.64 -37.93 3.59
N ASN A 109 6.37 -38.32 3.48
CA ASN A 109 5.44 -37.68 2.56
C ASN A 109 4.94 -36.42 3.26
N ALA A 110 5.78 -35.38 3.24
CA ALA A 110 5.53 -34.18 4.00
C ALA A 110 5.88 -32.96 3.16
N TRP A 111 5.07 -31.92 3.28
CA TRP A 111 5.29 -30.68 2.56
C TRP A 111 4.98 -29.52 3.49
N ASP A 112 5.75 -28.45 3.34
CA ASP A 112 5.47 -27.21 4.05
C ASP A 112 4.74 -26.27 3.11
N VAL A 113 3.52 -25.92 3.46
CA VAL A 113 2.64 -25.11 2.60
C VAL A 113 2.66 -23.69 3.11
N THR A 114 2.98 -22.74 2.24
CA THR A 114 3.01 -21.34 2.62
C THR A 114 1.95 -20.62 1.79
N LEU A 115 1.14 -19.79 2.45
CA LEU A 115 0.26 -18.82 1.80
C LEU A 115 0.82 -17.44 2.10
N LYS A 116 0.95 -16.63 1.06
CA LYS A 116 1.67 -15.37 1.15
C LYS A 116 0.86 -14.26 0.50
N ILE A 117 0.79 -13.13 1.20
CA ILE A 117 0.14 -11.91 0.73
C ILE A 117 1.21 -10.86 0.63
N THR A 118 1.32 -10.21 -0.53
CA THR A 118 2.31 -9.18 -0.76
C THR A 118 1.61 -7.88 -1.14
N THR A 119 2.00 -6.81 -0.49
CA THR A 119 1.52 -5.47 -0.79
C THR A 119 2.64 -4.67 -1.44
N LYS A 120 2.28 -3.81 -2.39
CA LYS A 120 3.26 -2.94 -3.01
C LYS A 120 3.08 -1.52 -2.48
N ALA A 121 3.26 -0.52 -3.33
CA ALA A 121 3.37 0.84 -2.84
C ALA A 121 2.58 1.77 -3.73
N VAL A 122 2.21 2.94 -3.16
CA VAL A 122 1.52 4.00 -3.88
C VAL A 122 2.12 5.32 -3.47
N THR A 123 2.60 6.08 -4.43
CA THR A 123 2.92 7.50 -4.24
C THR A 123 1.70 8.33 -4.65
N VAL A 124 1.24 9.18 -3.76
CA VAL A 124 0.03 9.96 -4.02
C VAL A 124 0.38 11.08 -4.99
N PRO A 125 -0.25 11.20 -6.16
CA PRO A 125 0.13 12.29 -7.08
C PRO A 125 -0.08 13.67 -6.47
N VAL A 126 0.89 14.54 -6.69
CA VAL A 126 0.89 15.87 -6.09
C VAL A 126 1.43 16.84 -7.12
N ASP A 127 0.72 17.93 -7.32
CA ASP A 127 1.14 18.99 -8.22
C ASP A 127 1.40 20.24 -7.39
N VAL A 128 2.46 20.97 -7.74
CA VAL A 128 2.94 22.14 -7.01
C VAL A 128 3.10 23.27 -7.99
N VAL A 129 2.63 24.46 -7.62
CA VAL A 129 2.93 25.67 -8.37
C VAL A 129 3.74 26.57 -7.47
N MET A 130 4.96 26.89 -7.89
N MET A 130 4.97 26.87 -7.87
CA MET A 130 5.84 27.81 -7.17
CA MET A 130 5.80 27.81 -7.16
C MET A 130 5.66 29.20 -7.76
C MET A 130 5.59 29.19 -7.76
N VAL A 131 5.45 30.19 -6.88
CA VAL A 131 5.16 31.59 -7.27
C VAL A 131 6.18 32.48 -6.59
N ILE A 132 7.03 33.15 -7.38
CA ILE A 132 8.16 33.90 -6.85
C ILE A 132 8.03 35.39 -7.18
N ASP A 133 8.06 36.21 -6.14
CA ASP A 133 8.12 37.68 -6.18
C ASP A 133 9.49 38.12 -6.71
N GLN A 134 9.51 38.73 -7.90
CA GLN A 134 10.73 39.38 -8.41
C GLN A 134 10.55 40.89 -8.51
N SER A 135 9.79 41.47 -7.58
CA SER A 135 9.53 42.91 -7.57
C SER A 135 10.78 43.65 -7.12
N SER A 136 10.78 44.97 -7.34
CA SER A 136 11.98 45.77 -7.06
C SER A 136 12.34 45.78 -5.57
N SER A 137 11.36 45.59 -4.67
CA SER A 137 11.69 45.51 -3.26
C SER A 137 12.54 44.30 -2.92
N MET A 138 12.59 43.30 -3.81
CA MET A 138 13.45 42.14 -3.66
C MET A 138 14.86 42.38 -4.22
N GLY A 139 15.10 43.55 -4.80
CA GLY A 139 16.37 43.91 -5.39
C GLY A 139 17.00 45.17 -4.83
N GLY A 140 17.98 45.72 -5.56
CA GLY A 140 18.70 46.89 -5.08
C GLY A 140 19.36 46.66 -3.75
N GLN A 141 19.09 47.58 -2.81
CA GLN A 141 19.61 47.45 -1.45
C GLN A 141 19.22 46.13 -0.83
N ASN A 142 18.05 45.60 -1.22
CA ASN A 142 17.52 44.38 -0.66
C ASN A 142 17.82 43.15 -1.51
N ILE A 143 18.81 43.22 -2.40
CA ILE A 143 19.04 42.13 -3.35
C ILE A 143 19.35 40.80 -2.68
N ALA A 144 19.77 40.79 -1.41
CA ALA A 144 19.88 39.52 -0.72
C ALA A 144 18.56 38.76 -0.70
N ARG A 145 17.43 39.48 -0.79
CA ARG A 145 16.13 38.81 -0.82
C ARG A 145 15.98 37.96 -2.08
N LEU A 146 16.12 38.58 -3.27
CA LEU A 146 15.97 37.82 -4.50
C LEU A 146 17.05 36.74 -4.61
N LYS A 147 18.27 37.05 -4.16
CA LYS A 147 19.33 36.04 -4.21
C LYS A 147 18.93 34.82 -3.38
N SER A 148 18.29 35.04 -2.22
CA SER A 148 17.87 33.93 -1.38
C SER A 148 16.68 33.19 -1.98
N ALA A 149 15.76 33.91 -2.61
CA ALA A 149 14.66 33.24 -3.30
C ALA A 149 15.20 32.34 -4.42
N ILE A 150 16.22 32.82 -5.15
CA ILE A 150 16.78 32.05 -6.26
C ILE A 150 17.48 30.80 -5.73
N ALA A 151 18.28 30.95 -4.68
CA ALA A 151 19.00 29.81 -4.12
C ALA A 151 18.03 28.81 -3.51
N SER A 152 17.06 29.31 -2.71
CA SER A 152 16.15 28.40 -2.01
C SER A 152 15.16 27.78 -2.98
N GLY A 153 14.73 28.52 -4.01
CA GLY A 153 13.80 27.95 -4.96
C GLY A 153 14.41 26.78 -5.71
N GLN A 154 15.68 26.88 -6.07
CA GLN A 154 16.34 25.75 -6.71
C GLN A 154 16.43 24.58 -5.75
N ARG A 155 16.77 24.84 -4.49
CA ARG A 155 16.83 23.77 -3.51
C ARG A 155 15.49 23.07 -3.36
N PHE A 156 14.39 23.84 -3.35
CA PHE A 156 13.07 23.24 -3.23
C PHE A 156 12.75 22.37 -4.44
N VAL A 157 13.05 22.85 -5.65
CA VAL A 157 12.80 22.06 -6.85
C VAL A 157 13.53 20.72 -6.74
N LYS A 158 14.81 20.76 -6.40
CA LYS A 158 15.59 19.52 -6.34
C LYS A 158 15.14 18.60 -5.23
N LYS A 159 14.68 19.15 -4.10
CA LYS A 159 14.17 18.33 -3.02
C LYS A 159 12.86 17.64 -3.39
N MET A 160 11.99 18.32 -4.13
CA MET A 160 10.72 17.71 -4.49
C MET A 160 10.83 16.84 -5.73
N LEU A 161 11.85 17.03 -6.56
CA LEU A 161 12.05 16.20 -7.74
C LEU A 161 13.42 15.52 -7.64
N PRO A 162 13.63 14.69 -6.63
CA PRO A 162 14.98 14.15 -6.36
C PRO A 162 15.50 13.20 -7.46
N LYS A 163 14.62 12.59 -8.25
CA LYS A 163 15.01 11.75 -9.38
C LYS A 163 14.78 12.45 -10.71
N GLY A 164 14.65 13.77 -10.68
CA GLY A 164 14.38 14.51 -11.89
C GLY A 164 13.15 14.01 -12.61
N MET A 165 13.28 13.80 -13.91
CA MET A 165 12.16 13.40 -14.73
C MET A 165 11.69 11.99 -14.43
N ALA A 166 12.42 11.27 -13.61
CA ALA A 166 11.98 9.96 -13.14
C ALA A 166 11.30 10.02 -11.79
N THR A 167 11.08 11.22 -11.24
CA THR A 167 10.42 11.31 -9.95
C THR A 167 8.97 10.87 -10.09
N GLU A 168 8.57 9.90 -9.27
N GLU A 168 8.56 9.89 -9.28
CA GLU A 168 7.19 9.44 -9.28
CA GLU A 168 7.17 9.43 -9.31
C GLU A 168 6.27 10.45 -8.60
C GLU A 168 6.27 10.44 -8.61
N GLY A 169 5.16 10.75 -9.26
CA GLY A 169 4.04 11.40 -8.61
C GLY A 169 4.06 12.92 -8.54
N VAL A 170 5.21 13.55 -8.68
CA VAL A 170 5.38 14.97 -8.39
C VAL A 170 5.56 15.73 -9.70
N ARG A 171 4.84 16.86 -9.87
CA ARG A 171 5.17 17.83 -10.90
C ARG A 171 5.23 19.24 -10.30
N ILE A 172 6.02 20.10 -10.93
CA ILE A 172 6.18 21.48 -10.47
C ILE A 172 5.98 22.42 -11.64
N ALA A 173 5.16 23.45 -11.44
CA ALA A 173 5.02 24.57 -12.35
C ALA A 173 5.59 25.82 -11.68
N LEU A 174 5.88 26.83 -12.50
CA LEU A 174 6.62 27.99 -12.01
C LEU A 174 6.06 29.28 -12.55
N VAL A 175 5.76 30.19 -11.63
CA VAL A 175 5.29 31.54 -11.89
C VAL A 175 6.25 32.54 -11.21
N SER A 176 6.56 33.62 -11.91
CA SER A 176 7.20 34.77 -11.27
C SER A 176 6.27 35.96 -11.46
N TYR A 177 6.48 37.00 -10.66
CA TYR A 177 5.67 38.17 -10.85
C TYR A 177 6.39 39.42 -10.38
N ASP A 178 6.03 40.51 -11.04
CA ASP A 178 6.37 41.86 -10.63
C ASP A 178 5.08 42.67 -10.72
N HIS A 179 5.02 43.67 -11.60
CA HIS A 179 3.74 44.35 -11.79
C HIS A 179 2.76 43.51 -12.61
N GLU A 180 3.19 42.37 -13.14
CA GLU A 180 2.33 41.42 -13.82
C GLU A 180 2.93 40.03 -13.61
N PRO A 181 2.13 38.98 -13.70
CA PRO A 181 2.67 37.63 -13.51
C PRO A 181 3.25 37.11 -14.82
N HIS A 182 4.14 36.13 -14.67
CA HIS A 182 4.81 35.49 -15.80
C HIS A 182 4.76 33.97 -15.66
N ARG A 183 4.24 33.29 -16.68
CA ARG A 183 4.23 31.83 -16.66
C ARG A 183 5.60 31.35 -17.13
N LEU A 184 6.43 30.92 -16.19
CA LEU A 184 7.77 30.49 -16.53
C LEU A 184 7.81 29.02 -16.96
N SER A 185 7.02 28.17 -16.31
CA SER A 185 6.90 26.77 -16.72
C SER A 185 5.52 26.20 -16.38
N ASP A 186 4.92 25.46 -17.32
N ASP A 186 4.96 25.45 -17.32
CA ASP A 186 3.79 24.60 -16.96
CA ASP A 186 3.85 24.57 -17.01
C ASP A 186 4.32 23.43 -16.13
C ASP A 186 4.34 23.43 -16.11
N PHE A 187 3.42 22.57 -15.70
CA PHE A 187 3.80 21.42 -14.87
C PHE A 187 4.88 20.59 -15.55
N THR A 188 5.94 20.28 -14.82
CA THR A 188 7.04 19.52 -15.39
C THR A 188 7.82 18.81 -14.29
N LYS A 189 8.62 17.82 -14.70
CA LYS A 189 9.59 17.18 -13.83
C LYS A 189 11.02 17.53 -14.21
N ASP A 190 11.19 18.46 -15.16
CA ASP A 190 12.49 18.86 -15.69
C ASP A 190 13.17 19.85 -14.75
N THR A 191 13.94 19.32 -13.80
CA THR A 191 14.57 20.15 -12.78
C THR A 191 15.55 21.14 -13.38
N ALA A 192 16.27 20.76 -14.44
CA ALA A 192 17.23 21.70 -15.01
C ALA A 192 16.53 22.90 -15.67
N PHE A 193 15.42 22.65 -16.34
CA PHE A 193 14.63 23.72 -16.92
C PHE A 193 14.09 24.64 -15.83
N LEU A 194 13.49 24.06 -14.79
CA LEU A 194 12.93 24.89 -13.73
C LEU A 194 14.01 25.74 -13.06
N CYS A 195 15.17 25.14 -12.79
CA CYS A 195 16.20 25.87 -12.06
C CYS A 195 16.79 26.98 -12.92
N GLN A 196 16.86 26.77 -14.23
CA GLN A 196 17.33 27.80 -15.13
C GLN A 196 16.39 29.00 -15.13
N LYS A 197 15.07 28.76 -15.09
CA LYS A 197 14.14 29.87 -15.04
C LYS A 197 14.24 30.63 -13.73
N ILE A 198 14.47 29.91 -12.62
CA ILE A 198 14.62 30.56 -11.32
C ILE A 198 15.88 31.41 -11.30
N ARG A 199 16.98 30.91 -11.89
CA ARG A 199 18.21 31.70 -11.93
C ARG A 199 18.07 32.95 -12.77
N ALA A 200 17.08 33.01 -13.66
CA ALA A 200 16.94 34.19 -14.51
C ALA A 200 16.01 35.26 -13.92
N LEU A 201 15.53 35.08 -12.70
CA LEU A 201 14.70 36.09 -12.06
C LEU A 201 15.48 37.39 -11.93
N THR A 202 14.77 38.51 -12.09
CA THR A 202 15.41 39.80 -12.08
C THR A 202 14.43 40.83 -11.52
N PRO A 203 14.89 41.79 -10.73
CA PRO A 203 13.95 42.71 -10.06
C PRO A 203 13.31 43.71 -11.01
N ILE A 204 11.98 43.79 -10.96
CA ILE A 204 11.19 44.67 -11.79
C ILE A 204 10.17 45.36 -10.90
N TRP A 205 9.88 46.63 -11.16
CA TRP A 205 8.98 47.37 -10.29
C TRP A 205 7.61 46.68 -10.19
N GLY A 206 6.99 46.79 -9.02
CA GLY A 206 5.61 46.37 -8.86
C GLY A 206 5.50 45.03 -8.18
N THR A 207 4.55 44.84 -7.27
CA THR A 207 4.39 43.59 -6.54
C THR A 207 2.92 43.16 -6.64
N HIS A 208 2.58 42.47 -7.73
CA HIS A 208 1.19 42.08 -8.04
C HIS A 208 0.95 40.66 -7.52
N THR A 209 0.97 40.52 -6.20
CA THR A 209 0.88 39.20 -5.59
C THR A 209 -0.44 38.52 -5.97
N GLN A 210 -1.52 39.27 -6.00
CA GLN A 210 -2.78 38.70 -6.47
C GLN A 210 -2.61 38.11 -7.86
N GLY A 211 -1.90 38.82 -8.73
CA GLY A 211 -1.72 38.32 -10.09
C GLY A 211 -0.90 37.05 -10.15
N GLY A 212 0.17 36.97 -9.35
CA GLY A 212 0.91 35.73 -9.26
C GLY A 212 0.04 34.59 -8.78
N LEU A 213 -0.78 34.83 -7.77
CA LEU A 213 -1.67 33.78 -7.28
C LEU A 213 -2.74 33.41 -8.29
N LYS A 214 -3.29 34.39 -9.02
CA LYS A 214 -4.28 34.10 -10.04
C LYS A 214 -3.69 33.22 -11.14
N MET A 215 -2.47 33.52 -11.59
CA MET A 215 -1.85 32.65 -12.60
C MET A 215 -1.64 31.24 -12.06
N ALA A 216 -1.22 31.12 -10.80
CA ALA A 216 -1.12 29.82 -10.16
C ALA A 216 -2.46 29.08 -10.14
N ARG A 217 -3.55 29.79 -9.85
N ARG A 217 -3.56 29.80 -9.87
CA ARG A 217 -4.86 29.17 -9.92
CA ARG A 217 -4.86 29.15 -9.91
C ARG A 217 -5.17 28.69 -11.33
C ARG A 217 -5.22 28.71 -11.32
N ASN A 218 -4.87 29.52 -12.33
CA ASN A 218 -5.13 29.13 -13.71
C ASN A 218 -4.36 27.86 -14.05
N ILE A 219 -3.10 27.80 -13.64
CA ILE A 219 -2.29 26.63 -13.93
C ILE A 219 -2.81 25.42 -13.18
N MET A 220 -3.15 25.59 -11.91
CA MET A 220 -3.61 24.46 -11.11
C MET A 220 -4.96 23.91 -11.57
N ALA A 221 -5.74 24.72 -12.28
CA ALA A 221 -7.04 24.26 -12.77
C ALA A 221 -6.96 23.01 -13.65
N THR A 222 -5.83 22.77 -14.30
CA THR A 222 -5.73 21.58 -15.15
C THR A 222 -5.23 20.34 -14.38
N SER A 223 -4.91 20.49 -13.12
CA SER A 223 -4.35 19.39 -12.34
C SER A 223 -5.42 18.37 -12.00
N THR A 224 -5.06 17.09 -12.13
CA THR A 224 -5.88 16.01 -11.60
C THR A 224 -5.18 15.28 -10.46
N ALA A 225 -4.21 15.92 -9.82
CA ALA A 225 -3.51 15.34 -8.68
C ALA A 225 -4.43 15.24 -7.45
N VAL A 226 -4.06 14.36 -6.54
CA VAL A 226 -4.75 14.29 -5.25
C VAL A 226 -4.38 15.48 -4.39
N ASP A 227 -3.09 15.77 -4.28
CA ASP A 227 -2.62 16.90 -3.49
C ASP A 227 -2.21 18.02 -4.42
N LYS A 228 -2.56 19.25 -4.04
CA LYS A 228 -2.31 20.42 -4.87
C LYS A 228 -1.81 21.53 -3.98
N HIS A 229 -0.57 21.98 -4.23
CA HIS A 229 0.09 22.98 -3.41
C HIS A 229 0.50 24.21 -4.23
N ILE A 230 0.31 25.38 -3.64
CA ILE A 230 0.89 26.63 -4.14
C ILE A 230 1.88 27.11 -3.09
N ILE A 231 3.11 27.41 -3.54
CA ILE A 231 4.15 27.95 -2.67
C ILE A 231 4.45 29.39 -3.11
N LEU A 232 4.19 30.36 -2.24
CA LEU A 232 4.44 31.76 -2.54
C LEU A 232 5.68 32.22 -1.79
N MET A 233 6.64 32.76 -2.53
CA MET A 233 7.90 33.23 -2.00
C MET A 233 7.95 34.73 -2.24
N SER A 234 7.80 35.52 -1.18
CA SER A 234 7.62 36.95 -1.35
C SER A 234 8.16 37.67 -0.14
N ASP A 235 8.51 38.95 -0.30
CA ASP A 235 8.81 39.68 0.93
C ASP A 235 7.55 40.18 1.62
N GLY A 236 6.38 40.01 1.01
CA GLY A 236 5.12 40.15 1.71
C GLY A 236 4.40 41.47 1.55
N LEU A 237 5.03 42.47 0.96
CA LEU A 237 4.38 43.76 0.77
C LEU A 237 3.82 43.88 -0.64
N ALA A 238 2.55 43.49 -0.82
CA ALA A 238 1.93 43.63 -2.13
C ALA A 238 1.66 45.10 -2.43
N THR A 239 1.86 45.48 -3.68
CA THR A 239 1.68 46.86 -4.07
C THR A 239 0.84 47.05 -5.33
N GLU A 240 0.34 45.97 -5.92
CA GLU A 240 -0.49 46.03 -7.13
C GLU A 240 -1.61 45.01 -7.00
N GLN A 241 -2.72 45.27 -7.67
CA GLN A 241 -3.84 44.33 -7.68
C GLN A 241 -4.71 44.55 -8.91
N TYR A 242 -5.69 43.64 -9.07
CA TYR A 242 -6.62 43.76 -10.17
C TYR A 242 -7.77 44.71 -9.83
N PRO A 243 -8.38 45.30 -10.85
CA PRO A 243 -9.53 46.18 -10.62
C PRO A 243 -10.71 45.44 -10.03
N VAL A 244 -11.50 46.18 -9.27
CA VAL A 244 -12.73 45.70 -8.67
C VAL A 244 -13.90 46.19 -9.52
N LYS A 245 -14.76 45.26 -9.94
CA LYS A 245 -15.90 45.58 -10.77
C LYS A 245 -17.01 46.22 -9.95
N ASN A 246 -17.65 47.23 -10.56
CA ASN A 246 -18.76 47.96 -9.95
C ASN A 246 -18.44 48.30 -8.50
N VAL A 247 -17.29 48.97 -8.30
CA VAL A 247 -16.79 49.15 -6.95
C VAL A 247 -17.71 50.10 -6.19
N THR A 248 -17.93 49.79 -4.91
CA THR A 248 -18.72 50.62 -4.01
C THR A 248 -17.97 50.74 -2.68
N THR A 249 -18.45 51.63 -1.81
CA THR A 249 -17.82 51.80 -0.50
C THR A 249 -17.90 50.52 0.32
N ALA A 250 -18.83 49.62 -0.01
CA ALA A 250 -19.00 48.40 0.77
C ALA A 250 -17.91 47.38 0.45
N ASP A 251 -17.06 47.66 -0.52
CA ASP A 251 -15.95 46.78 -0.86
C ASP A 251 -14.71 47.09 -0.02
N PHE A 252 -14.84 47.98 0.97
CA PHE A 252 -13.75 48.42 1.81
C PHE A 252 -14.17 48.23 3.25
N ILE A 253 -13.19 48.26 4.16
CA ILE A 253 -13.43 48.02 5.57
C ILE A 253 -12.47 48.84 6.40
N GLY A 254 -12.91 49.20 7.61
CA GLY A 254 -12.10 49.96 8.52
C GLY A 254 -11.38 49.09 9.55
N GLU A 255 -10.66 49.78 10.44
CA GLU A 255 -9.88 49.14 11.51
C GLU A 255 -10.72 48.09 12.24
N THR A 256 -10.10 46.93 12.47
CA THR A 256 -10.76 45.85 13.17
C THR A 256 -10.67 46.00 14.68
N GLY A 257 -9.73 46.80 15.16
CA GLY A 257 -9.42 46.85 16.58
C GLY A 257 -8.35 45.88 17.01
N ASN A 258 -7.95 44.96 16.15
CA ASN A 258 -6.81 44.09 16.39
C ASN A 258 -5.60 44.74 15.74
N ALA A 259 -4.68 45.25 16.57
CA ALA A 259 -3.54 46.02 16.08
C ALA A 259 -2.62 45.20 15.17
N ASN A 260 -2.73 43.89 15.23
CA ASN A 260 -1.90 43.01 14.42
C ASN A 260 -2.55 42.59 13.11
N ASP A 261 -3.81 42.96 12.87
CA ASP A 261 -4.44 42.66 11.59
C ASP A 261 -3.80 43.50 10.49
N PRO A 262 -3.56 42.92 9.32
CA PRO A 262 -3.05 43.73 8.19
C PRO A 262 -3.83 45.03 7.95
N ILE A 263 -5.15 45.00 8.15
CA ILE A 263 -5.95 46.22 7.99
C ILE A 263 -5.44 47.31 8.92
N ASP A 264 -5.41 46.99 10.22
CA ASP A 264 -4.99 47.96 11.22
C ASP A 264 -3.54 48.35 11.02
N LEU A 265 -2.70 47.38 10.65
CA LEU A 265 -1.29 47.67 10.44
C LEU A 265 -1.07 48.63 9.29
N VAL A 266 -1.76 48.43 8.18
CA VAL A 266 -1.50 49.28 7.04
C VAL A 266 -2.05 50.67 7.29
N ILE A 267 -3.15 50.78 8.02
CA ILE A 267 -3.70 52.10 8.32
C ILE A 267 -2.77 52.85 9.26
N GLN A 268 -2.36 52.21 10.36
CA GLN A 268 -1.41 52.86 11.26
C GLN A 268 -0.12 53.17 10.54
N GLY A 269 0.34 52.26 9.68
CA GLY A 269 1.61 52.50 9.00
C GLY A 269 1.53 53.70 8.09
N ALA A 270 0.41 53.84 7.38
CA ALA A 270 0.23 54.95 6.48
C ALA A 270 -0.01 56.25 7.22
N ILE A 271 -0.55 56.20 8.43
CA ILE A 271 -0.60 57.39 9.27
C ILE A 271 0.82 57.82 9.65
N ASN A 272 1.68 56.85 10.00
CA ASN A 272 3.02 57.16 10.48
C ASN A 272 3.98 57.52 9.35
N PHE A 273 3.82 56.89 8.20
CA PHE A 273 4.75 57.02 7.08
C PHE A 273 3.94 57.18 5.80
N PRO A 274 3.19 58.28 5.66
CA PRO A 274 2.23 58.37 4.55
C PRO A 274 2.85 58.23 3.17
N THR A 275 4.01 58.82 2.92
CA THR A 275 4.54 58.78 1.57
C THR A 275 5.21 57.45 1.25
N ASN A 276 5.40 56.58 2.26
CA ASN A 276 5.89 55.23 2.00
C ASN A 276 4.77 54.29 1.55
N TYR A 277 3.54 54.58 1.97
CA TYR A 277 2.40 53.67 1.79
C TYR A 277 1.48 54.05 0.65
N VAL A 278 1.19 55.34 0.47
CA VAL A 278 0.03 55.76 -0.31
C VAL A 278 0.48 56.20 -1.70
N SER A 279 -0.11 55.55 -2.72
CA SER A 279 0.04 55.91 -4.12
C SER A 279 0.17 57.40 -4.35
N ASN A 280 1.36 57.83 -4.78
CA ASN A 280 1.56 59.20 -5.22
C ASN A 280 2.75 59.29 -6.15
N ASN A 281 2.58 60.01 -7.28
CA ASN A 281 3.71 60.32 -8.16
C ASN A 281 4.34 61.61 -7.68
N PRO A 282 5.52 61.59 -7.06
CA PRO A 282 6.07 62.84 -6.50
C PRO A 282 6.36 63.89 -7.56
N SER A 283 6.42 63.50 -8.83
CA SER A 283 6.73 64.42 -9.91
C SER A 283 5.54 65.24 -10.37
N THR A 284 4.36 64.81 -10.09
CA THR A 284 3.16 65.52 -10.53
C THR A 284 2.54 66.27 -9.37
N PRO A 285 1.89 67.41 -9.62
CA PRO A 285 1.28 68.15 -8.51
C PRO A 285 0.12 67.43 -7.88
N LEU A 286 -0.54 66.53 -8.60
CA LEU A 286 -1.68 65.81 -8.06
C LEU A 286 -1.24 65.02 -6.83
N THR A 287 -2.02 65.13 -5.76
CA THR A 287 -1.70 64.36 -4.57
C THR A 287 -2.95 63.69 -4.04
N PRO A 288 -2.80 62.51 -3.46
CA PRO A 288 -3.96 61.85 -2.85
C PRO A 288 -4.32 62.53 -1.54
N ASN A 289 -5.55 62.30 -1.10
CA ASN A 289 -5.86 62.46 0.31
C ASN A 289 -5.24 61.31 1.10
N TYR A 290 -4.73 61.61 2.29
CA TYR A 290 -4.03 60.60 3.07
C TYR A 290 -4.88 60.03 4.20
N PRO A 291 -4.61 58.79 4.61
CA PRO A 291 -5.53 58.10 5.53
C PRO A 291 -5.39 58.53 6.98
N THR A 292 -6.48 58.33 7.70
CA THR A 292 -6.58 58.52 9.13
C THR A 292 -7.14 57.24 9.75
N HIS A 293 -7.30 57.23 11.08
CA HIS A 293 -7.82 56.03 11.72
C HIS A 293 -9.23 55.67 11.25
N SER A 294 -9.96 56.61 10.66
CA SER A 294 -11.31 56.35 10.18
C SER A 294 -11.37 55.93 8.72
N SER A 295 -10.23 55.89 8.03
CA SER A 295 -10.22 55.51 6.62
C SER A 295 -10.57 54.04 6.43
N LYS A 296 -10.89 53.69 5.18
CA LYS A 296 -11.35 52.37 4.81
C LYS A 296 -10.38 51.81 3.77
N VAL A 297 -10.06 50.53 3.90
CA VAL A 297 -9.15 49.86 3.00
C VAL A 297 -9.83 48.65 2.38
N GLY A 298 -9.27 48.18 1.27
CA GLY A 298 -9.92 47.13 0.53
C GLY A 298 -10.13 45.89 1.39
N ARG A 299 -11.29 45.26 1.22
N ARG A 299 -11.30 45.27 1.23
CA ARG A 299 -11.59 44.02 1.93
CA ARG A 299 -11.61 44.03 1.92
C ARG A 299 -10.74 42.87 1.41
C ARG A 299 -10.70 42.89 1.43
N ARG A 300 -10.70 41.79 2.19
CA ARG A 300 -10.06 40.56 1.74
C ARG A 300 -11.05 39.42 1.55
N ASN A 301 -12.36 39.70 1.59
CA ASN A 301 -13.37 38.67 1.43
C ASN A 301 -14.38 39.00 0.36
N LEU A 302 -13.96 39.66 -0.71
CA LEU A 302 -14.85 39.87 -1.83
C LEU A 302 -15.10 38.57 -2.57
N PRO A 303 -16.25 38.41 -3.19
CA PRO A 303 -16.44 37.28 -4.11
C PRO A 303 -15.53 37.38 -5.32
N GLU A 304 -15.23 36.21 -5.90
CA GLU A 304 -14.40 36.17 -7.09
C GLU A 304 -15.00 36.94 -8.25
N SER A 305 -16.33 37.04 -8.34
CA SER A 305 -16.97 37.79 -9.41
C SER A 305 -16.71 39.30 -9.32
N LYS A 306 -16.16 39.78 -8.21
CA LYS A 306 -15.87 41.19 -8.07
C LYS A 306 -14.56 41.62 -8.75
N PHE A 307 -13.68 40.69 -9.14
CA PHE A 307 -12.42 41.09 -9.75
C PHE A 307 -12.49 41.01 -11.26
N ASP A 308 -11.87 41.97 -11.92
CA ASP A 308 -11.75 41.95 -13.36
C ASP A 308 -10.44 41.26 -13.72
N TYR A 309 -10.54 40.04 -14.23
CA TYR A 309 -9.38 39.26 -14.63
C TYR A 309 -9.17 39.24 -16.13
N SER A 310 -9.95 40.02 -16.88
CA SER A 310 -9.91 39.94 -18.35
C SER A 310 -8.53 40.23 -18.92
N ASN A 311 -7.76 41.08 -18.25
CA ASN A 311 -6.37 41.39 -18.58
C ASN A 311 -5.53 41.05 -17.35
N LEU A 312 -4.75 39.96 -17.43
CA LEU A 312 -3.96 39.53 -16.28
C LEU A 312 -2.78 40.45 -15.95
N SER A 313 -2.53 41.48 -16.76
CA SER A 313 -1.57 42.53 -16.42
C SER A 313 -2.26 43.84 -15.99
N ALA A 314 -3.57 43.80 -15.77
CA ALA A 314 -4.27 45.01 -15.36
C ALA A 314 -3.87 45.41 -13.95
N ARG A 315 -3.98 46.71 -13.68
CA ARG A 315 -3.58 47.31 -12.41
C ARG A 315 -4.64 48.30 -11.96
N ILE A 316 -4.63 48.61 -10.67
CA ILE A 316 -5.32 49.79 -10.13
C ILE A 316 -4.28 50.84 -9.81
N THR A 317 -4.45 52.05 -10.33
CA THR A 317 -3.51 53.12 -10.09
C THR A 317 -4.26 54.37 -9.64
N PHE A 318 -3.50 55.25 -9.01
CA PHE A 318 -3.90 56.63 -8.78
C PHE A 318 -2.70 57.46 -9.20
N ASP A 319 -2.90 58.52 -9.99
CA ASP A 319 -1.78 59.41 -10.36
C ASP A 319 -0.71 58.64 -11.14
N GLY A 320 -1.15 57.59 -11.83
CA GLY A 320 -0.30 56.73 -12.62
C GLY A 320 0.53 55.72 -11.86
N VAL A 321 0.35 55.59 -10.54
CA VAL A 321 1.17 54.68 -9.74
C VAL A 321 0.27 53.89 -8.79
N ALA A 322 0.86 52.90 -8.14
CA ALA A 322 0.13 52.07 -7.17
C ALA A 322 0.88 52.17 -5.85
N GLY A 323 0.88 51.12 -5.04
CA GLY A 323 1.42 51.24 -3.70
C GLY A 323 0.77 50.24 -2.74
N ALA A 324 1.32 50.20 -1.52
CA ALA A 324 0.71 49.40 -0.45
C ALA A 324 -0.73 49.80 -0.21
N LEU A 325 -1.06 51.07 -0.43
CA LEU A 325 -2.43 51.55 -0.48
C LEU A 325 -2.59 52.37 -1.75
N VAL A 326 -3.70 52.16 -2.46
CA VAL A 326 -3.99 52.91 -3.68
C VAL A 326 -5.26 53.71 -3.47
N TYR A 327 -5.11 55.02 -3.43
CA TYR A 327 -6.22 55.93 -3.22
C TYR A 327 -7.28 55.78 -4.30
N GLU A 328 -8.55 55.75 -3.88
CA GLU A 328 -9.72 55.68 -4.75
C GLU A 328 -10.41 57.04 -4.69
N PRO A 329 -10.12 57.97 -5.60
CA PRO A 329 -10.64 59.34 -5.47
C PRO A 329 -12.13 59.47 -5.74
N ARG A 330 -12.78 58.43 -6.23
CA ARG A 330 -14.21 58.53 -6.47
C ARG A 330 -15.04 58.44 -5.20
N PHE A 331 -14.43 58.12 -4.07
CA PHE A 331 -15.16 58.01 -2.82
C PHE A 331 -14.71 59.10 -1.87
N PRO A 332 -15.57 59.53 -1.00
CA PRO A 332 -15.25 60.72 -0.20
C PRO A 332 -14.58 60.42 1.13
N HIS A 333 -14.41 61.48 1.93
CA HIS A 333 -14.10 61.38 3.36
C HIS A 333 -14.90 60.24 3.98
N PRO A 334 -14.29 59.37 4.81
CA PRO A 334 -12.95 59.48 5.38
C PRO A 334 -11.81 58.87 4.59
N TYR A 335 -12.10 58.56 3.32
CA TYR A 335 -11.15 58.18 2.29
C TYR A 335 -10.98 56.66 2.26
N TYR A 336 -10.87 56.16 1.02
CA TYR A 336 -10.95 54.74 0.67
C TYR A 336 -9.72 54.38 -0.16
N TYR A 337 -9.13 53.21 0.14
CA TYR A 337 -7.86 52.83 -0.47
C TYR A 337 -7.89 51.35 -0.81
N TYR A 338 -7.52 51.01 -2.05
CA TYR A 338 -7.26 49.61 -2.36
C TYR A 338 -6.04 49.16 -1.57
N PHE A 339 -6.07 47.91 -1.12
CA PHE A 339 -5.10 47.34 -0.19
C PHE A 339 -4.60 46.04 -0.81
N PRO A 340 -3.57 46.09 -1.65
CA PRO A 340 -3.14 44.87 -2.35
C PRO A 340 -2.82 43.68 -1.47
N CYS A 341 -2.30 43.87 -0.25
CA CYS A 341 -2.06 42.73 0.60
C CYS A 341 -3.37 41.97 0.88
N ASN A 342 -4.45 42.70 1.13
CA ASN A 342 -5.76 42.08 1.34
C ASN A 342 -6.29 41.47 0.05
N ALA A 343 -6.06 42.10 -1.10
CA ALA A 343 -6.49 41.49 -2.36
C ALA A 343 -5.79 40.14 -2.59
N ALA A 344 -4.53 40.03 -2.21
CA ALA A 344 -3.81 38.78 -2.36
C ALA A 344 -4.32 37.72 -1.39
N ILE A 345 -4.62 38.10 -0.14
CA ILE A 345 -5.27 37.15 0.76
C ILE A 345 -6.59 36.67 0.15
N ASN A 346 -7.34 37.61 -0.47
CA ASN A 346 -8.63 37.31 -1.10
C ASN A 346 -8.45 36.30 -2.21
N GLU A 347 -7.42 36.50 -3.06
CA GLU A 347 -7.15 35.60 -4.17
C GLU A 347 -6.74 34.23 -3.67
N ALA A 348 -5.94 34.18 -2.61
CA ALA A 348 -5.59 32.90 -2.03
C ALA A 348 -6.83 32.18 -1.51
N GLN A 349 -7.84 32.91 -1.02
CA GLN A 349 -9.04 32.27 -0.52
C GLN A 349 -9.74 31.47 -1.62
N PHE A 350 -9.75 32.00 -2.85
CA PHE A 350 -10.35 31.27 -3.96
C PHE A 350 -9.59 29.97 -4.19
N ALA A 351 -8.25 30.01 -4.07
CA ALA A 351 -7.45 28.79 -4.20
C ALA A 351 -7.76 27.80 -3.09
N LYS A 352 -7.91 28.30 -1.85
CA LYS A 352 -8.24 27.42 -0.73
C LYS A 352 -9.61 26.80 -0.93
N ASN A 353 -10.57 27.58 -1.43
CA ASN A 353 -11.90 27.07 -1.70
C ASN A 353 -11.87 25.97 -2.75
N SER A 354 -10.91 25.98 -3.67
CA SER A 354 -10.72 24.92 -4.64
C SER A 354 -10.01 23.68 -4.07
N GLY A 355 -9.65 23.70 -2.80
CA GLY A 355 -8.91 22.63 -2.18
C GLY A 355 -7.40 22.70 -2.25
N TYR A 356 -6.82 23.82 -2.62
CA TYR A 356 -5.38 23.90 -2.73
C TYR A 356 -4.77 24.28 -1.38
N THR A 357 -3.59 23.71 -1.09
CA THR A 357 -2.82 24.04 0.11
C THR A 357 -1.88 25.19 -0.25
N ILE A 358 -1.85 26.21 0.61
CA ILE A 358 -1.05 27.40 0.34
C ILE A 358 0.04 27.51 1.39
N HIS A 359 1.29 27.55 0.92
CA HIS A 359 2.46 27.82 1.73
C HIS A 359 3.01 29.20 1.38
N THR A 360 3.41 29.97 2.39
CA THR A 360 4.03 31.24 2.11
C THR A 360 5.35 31.32 2.85
N ILE A 361 6.31 31.99 2.23
CA ILE A 361 7.66 32.11 2.75
C ILE A 361 8.02 33.58 2.69
N GLY A 362 8.37 34.17 3.82
CA GLY A 362 8.59 35.60 3.90
C GLY A 362 10.07 35.93 3.87
N TYR A 363 10.48 36.65 2.84
CA TYR A 363 11.90 36.94 2.62
C TYR A 363 12.36 38.28 3.20
N ASP A 364 11.47 39.06 3.83
CA ASP A 364 11.87 40.23 4.62
C ASP A 364 12.18 39.73 6.02
N LEU A 365 13.47 39.68 6.38
CA LEU A 365 13.87 39.11 7.67
C LEU A 365 13.93 40.16 8.79
N GLY A 366 13.44 41.35 8.57
CA GLY A 366 13.46 42.42 9.56
C GLY A 366 12.21 42.54 10.42
N ASP A 367 11.32 41.55 10.38
CA ASP A 367 10.05 41.51 11.09
C ASP A 367 9.20 42.76 10.88
N PHE A 368 8.74 42.88 9.64
CA PHE A 368 7.76 43.88 9.22
C PHE A 368 6.41 43.21 9.36
N ALA A 369 5.64 43.60 10.38
CA ALA A 369 4.44 42.84 10.73
C ALA A 369 3.41 42.82 9.60
N LEU A 370 3.19 43.95 8.90
CA LEU A 370 2.21 43.94 7.83
C LEU A 370 2.54 42.86 6.80
N ALA A 371 3.81 42.75 6.44
CA ALA A 371 4.21 41.79 5.42
C ALA A 371 4.07 40.37 5.93
N ASN A 372 4.65 40.08 7.10
CA ASN A 372 4.60 38.71 7.59
C ASN A 372 3.16 38.28 7.90
N ASN A 373 2.39 39.17 8.52
CA ASN A 373 1.01 38.83 8.88
C ASN A 373 0.13 38.69 7.65
N SER A 374 0.37 39.51 6.61
CA SER A 374 -0.33 39.30 5.35
C SER A 374 -0.02 37.91 4.79
N LEU A 375 1.26 37.51 4.79
CA LEU A 375 1.62 36.19 4.31
C LEU A 375 1.07 35.08 5.20
N LYS A 376 0.95 35.31 6.50
CA LYS A 376 0.35 34.30 7.35
C LYS A 376 -1.10 34.05 6.97
N LEU A 377 -1.85 35.11 6.66
CA LEU A 377 -3.26 34.96 6.31
C LEU A 377 -3.44 34.41 4.90
N THR A 378 -2.46 34.63 4.01
CA THR A 378 -2.47 34.10 2.66
C THR A 378 -2.27 32.60 2.68
N ALA A 379 -1.45 32.10 3.60
CA ALA A 379 -1.20 30.68 3.73
C ALA A 379 -2.44 29.94 4.27
N THR A 380 -2.41 28.62 4.15
CA THR A 380 -3.52 27.80 4.63
C THR A 380 -3.78 28.04 6.11
N ASP A 381 -2.72 28.19 6.89
CA ASP A 381 -2.81 28.60 8.29
C ASP A 381 -1.44 29.18 8.64
N GLU A 382 -1.33 29.70 9.87
N GLU A 382 -1.32 29.70 9.87
CA GLU A 382 -0.09 30.36 10.25
CA GLU A 382 -0.08 30.38 10.20
C GLU A 382 1.10 29.40 10.21
C GLU A 382 1.10 29.41 10.27
N ASN A 383 0.85 28.12 10.47
CA ASN A 383 1.92 27.12 10.43
C ASN A 383 2.38 26.80 9.01
N HIS A 384 1.66 27.24 7.97
CA HIS A 384 2.12 27.12 6.61
C HIS A 384 2.84 28.38 6.11
N PHE A 385 3.13 29.31 7.03
CA PHE A 385 4.02 30.43 6.77
C PHE A 385 5.32 30.21 7.54
N PHE A 386 6.44 30.59 6.93
CA PHE A 386 7.67 30.73 7.71
C PHE A 386 8.55 31.80 7.08
N THR A 387 9.40 32.40 7.92
CA THR A 387 10.37 33.36 7.45
C THR A 387 11.54 32.62 6.82
N ALA A 388 12.17 33.26 5.83
CA ALA A 388 13.21 32.63 5.05
C ALA A 388 14.57 32.69 5.77
N THR A 389 14.59 32.16 6.99
CA THR A 389 15.86 32.01 7.68
C THR A 389 16.61 30.80 7.11
N PRO A 390 17.94 30.81 7.17
CA PRO A 390 18.68 29.62 6.68
C PRO A 390 18.13 28.33 7.22
N ALA A 391 17.80 28.26 8.51
CA ALA A 391 17.34 27.02 9.10
C ALA A 391 15.94 26.64 8.61
N ASN A 392 15.05 27.62 8.43
CA ASN A 392 13.72 27.28 7.93
C ASN A 392 13.80 26.81 6.48
N LEU A 393 14.60 27.51 5.67
CA LEU A 393 14.74 27.15 4.25
C LEU A 393 15.31 25.75 4.10
N ALA A 394 16.30 25.39 4.91
CA ALA A 394 16.94 24.09 4.76
C ALA A 394 15.98 22.95 5.07
N ALA A 395 15.06 23.16 6.00
CA ALA A 395 14.17 22.11 6.45
C ALA A 395 12.90 21.96 5.60
N ALA A 396 12.63 22.89 4.70
CA ALA A 396 11.30 22.95 4.11
C ALA A 396 11.10 21.94 2.97
N PHE A 397 9.87 21.43 2.88
CA PHE A 397 9.39 20.61 1.74
C PHE A 397 10.15 19.29 1.63
N ASP A 398 10.39 18.65 2.77
CA ASP A 398 11.20 17.44 2.78
C ASP A 398 10.49 16.26 2.12
N ASN A 399 9.19 16.11 2.39
CA ASN A 399 8.41 14.99 1.81
C ASN A 399 7.10 15.54 1.28
N ILE A 400 7.15 16.18 0.11
CA ILE A 400 5.93 16.74 -0.44
C ILE A 400 5.01 15.63 -0.90
N ALA A 401 5.57 14.48 -1.27
CA ALA A 401 4.80 13.38 -1.80
C ALA A 401 4.53 12.37 -0.68
N GLN A 402 3.25 12.11 -0.45
N GLN A 402 3.25 12.06 -0.48
CA GLN A 402 2.83 11.08 0.47
CA GLN A 402 2.86 11.10 0.52
C GLN A 402 2.95 9.70 -0.17
C GLN A 402 2.79 9.70 -0.10
N THR A 403 3.20 8.70 0.67
CA THR A 403 3.04 7.31 0.28
C THR A 403 2.01 6.69 1.22
N ILE A 404 1.19 5.80 0.67
CA ILE A 404 0.13 5.16 1.42
C ILE A 404 0.72 4.11 2.37
N ASN A 405 0.33 4.19 3.63
N ASN A 405 0.34 4.19 3.64
CA ASN A 405 0.95 3.40 4.70
CA ASN A 405 0.98 3.36 4.65
C ASN A 405 0.36 1.99 4.81
C ASN A 405 0.37 1.97 4.78
N ILE A 406 -0.93 1.85 4.59
CA ILE A 406 -1.63 0.57 4.77
C ILE A 406 -1.93 -0.04 3.41
N GLY A 407 -1.64 -1.33 3.28
CA GLY A 407 -1.97 -2.03 2.04
C GLY A 407 -3.29 -2.75 2.14
N ILE A 408 -3.51 -3.43 3.27
CA ILE A 408 -4.75 -4.15 3.56
C ILE A 408 -5.24 -3.72 4.94
N GLN A 409 -6.49 -3.24 5.03
CA GLN A 409 -7.04 -2.82 6.31
C GLN A 409 -7.57 -4.00 7.13
N ARG A 410 -8.17 -4.97 6.44
CA ARG A 410 -8.75 -6.18 7.00
C ARG A 410 -8.50 -7.27 5.98
N GLY A 411 -8.22 -8.49 6.45
CA GLY A 411 -8.14 -9.59 5.52
C GLY A 411 -8.49 -10.91 6.18
N GLU A 412 -9.16 -11.75 5.42
CA GLU A 412 -9.50 -13.10 5.85
C GLU A 412 -9.15 -14.07 4.73
N VAL A 413 -8.28 -15.00 5.04
CA VAL A 413 -7.93 -16.09 4.13
C VAL A 413 -8.63 -17.34 4.62
N THR A 414 -9.40 -17.97 3.74
CA THR A 414 -10.00 -19.27 3.99
C THR A 414 -9.22 -20.28 3.13
N ASP A 415 -8.85 -21.42 3.73
CA ASP A 415 -7.98 -22.39 3.10
C ASP A 415 -8.49 -23.77 3.51
N PHE A 416 -9.10 -24.47 2.56
CA PHE A 416 -9.67 -25.80 2.77
C PHE A 416 -8.61 -26.81 2.34
N VAL A 417 -8.08 -27.56 3.31
CA VAL A 417 -7.09 -28.59 2.99
C VAL A 417 -7.76 -29.74 2.26
N ALA A 418 -7.06 -30.26 1.25
CA ALA A 418 -7.67 -31.20 0.31
C ALA A 418 -7.72 -32.61 0.88
N PRO A 419 -8.59 -33.45 0.34
CA PRO A 419 -8.67 -34.84 0.79
C PRO A 419 -7.36 -35.56 0.58
N GLY A 420 -7.02 -36.42 1.54
CA GLY A 420 -5.78 -37.15 1.48
C GLY A 420 -4.65 -36.52 2.26
N PHE A 421 -4.81 -35.30 2.74
CA PHE A 421 -3.75 -34.59 3.47
C PHE A 421 -4.26 -34.10 4.81
N ILE A 422 -3.39 -34.21 5.81
CA ILE A 422 -3.70 -33.72 7.15
C ILE A 422 -2.61 -32.75 7.59
N VAL A 423 -3.01 -31.81 8.43
CA VAL A 423 -2.11 -30.76 8.90
C VAL A 423 -1.45 -31.24 10.18
N LYS A 424 -0.13 -31.21 10.19
CA LYS A 424 0.63 -31.67 11.34
C LYS A 424 0.16 -30.94 12.59
N ASN A 425 -0.15 -31.72 13.63
CA ASN A 425 -0.41 -31.31 15.00
C ASN A 425 -1.75 -30.64 15.21
N LEU A 426 -2.63 -30.62 14.23
CA LEU A 426 -3.95 -30.00 14.39
C LEU A 426 -4.94 -31.13 14.69
N THR A 427 -5.30 -31.26 15.97
CA THR A 427 -6.19 -32.31 16.41
C THR A 427 -7.57 -31.82 16.81
N GLN A 428 -7.70 -30.54 17.16
CA GLN A 428 -8.99 -30.02 17.57
C GLN A 428 -9.20 -28.62 17.01
N SER A 429 -10.48 -28.26 16.90
CA SER A 429 -10.85 -26.95 16.43
C SER A 429 -10.43 -25.89 17.45
N GLY A 430 -10.26 -24.67 16.96
CA GLY A 430 -9.96 -23.53 17.79
C GLY A 430 -8.78 -22.78 17.24
N ASP A 431 -8.15 -22.02 18.11
CA ASP A 431 -7.04 -21.16 17.73
C ASP A 431 -5.78 -22.01 17.55
N VAL A 432 -5.21 -21.96 16.36
CA VAL A 432 -4.00 -22.72 16.06
C VAL A 432 -2.83 -21.80 15.73
N THR A 433 -2.97 -20.51 16.08
CA THR A 433 -1.92 -19.53 15.76
C THR A 433 -0.55 -20.00 16.23
N HIS A 434 -0.49 -20.57 17.44
N HIS A 434 -0.47 -20.57 17.42
CA HIS A 434 0.78 -20.97 18.04
CA HIS A 434 0.82 -20.93 17.98
C HIS A 434 1.33 -22.27 17.47
C HIS A 434 1.27 -22.35 17.62
N LEU A 435 0.50 -23.05 16.78
CA LEU A 435 0.90 -24.33 16.24
C LEU A 435 1.39 -24.24 14.81
N LEU A 436 1.25 -23.06 14.19
CA LEU A 436 1.70 -22.73 12.84
C LEU A 436 2.74 -21.62 12.91
N ASN A 437 3.39 -21.34 11.79
CA ASN A 437 4.26 -20.17 11.65
C ASN A 437 3.42 -19.08 10.99
N VAL A 438 3.08 -18.05 11.76
CA VAL A 438 2.14 -17.00 11.34
C VAL A 438 2.80 -15.65 11.54
N SER A 439 3.00 -14.89 10.46
CA SER A 439 3.73 -13.63 10.58
C SER A 439 2.87 -12.51 11.14
N ASN A 440 1.57 -12.54 10.90
CA ASN A 440 0.64 -11.47 11.22
C ASN A 440 -0.72 -12.09 11.48
N GLY A 441 -1.41 -11.62 12.51
CA GLY A 441 -2.79 -12.02 12.73
C GLY A 441 -2.91 -13.36 13.44
N THR A 442 -4.07 -13.99 13.29
CA THR A 442 -4.40 -15.21 14.02
C THR A 442 -5.07 -16.21 13.08
N VAL A 443 -4.96 -17.50 13.42
CA VAL A 443 -5.49 -18.56 12.57
C VAL A 443 -6.37 -19.49 13.38
N HIS A 444 -7.54 -19.78 12.85
CA HIS A 444 -8.52 -20.71 13.41
C HIS A 444 -8.59 -21.95 12.51
N TYR A 445 -8.80 -23.10 13.12
CA TYR A 445 -8.91 -24.36 12.41
C TYR A 445 -10.22 -25.03 12.80
N ASP A 446 -10.96 -25.48 11.80
CA ASP A 446 -12.11 -26.33 12.05
C ASP A 446 -11.77 -27.76 11.63
N VAL A 447 -11.78 -28.68 12.59
CA VAL A 447 -11.38 -30.06 12.34
C VAL A 447 -12.31 -30.72 11.31
N SER A 448 -13.62 -30.46 11.41
CA SER A 448 -14.54 -31.26 10.61
C SER A 448 -14.49 -30.89 9.13
N THR A 449 -14.25 -29.63 8.81
CA THR A 449 -14.16 -29.21 7.42
C THR A 449 -12.73 -29.05 6.94
N LYS A 450 -11.76 -29.25 7.83
CA LYS A 450 -10.34 -29.09 7.52
C LYS A 450 -10.08 -27.71 6.94
N LYS A 451 -10.67 -26.71 7.58
CA LYS A 451 -10.66 -25.34 7.07
C LYS A 451 -9.80 -24.48 7.98
N LEU A 452 -8.79 -23.85 7.40
CA LEU A 452 -8.01 -22.84 8.11
C LEU A 452 -8.61 -21.48 7.77
N THR A 453 -8.88 -20.67 8.79
CA THR A 453 -9.32 -19.30 8.60
C THR A 453 -8.30 -18.39 9.25
N TRP A 454 -7.64 -17.59 8.43
CA TRP A 454 -6.56 -16.71 8.85
C TRP A 454 -7.08 -15.27 8.82
N THR A 455 -7.12 -14.65 9.98
CA THR A 455 -7.50 -13.25 10.13
C THR A 455 -6.20 -12.45 10.10
N THR A 456 -6.00 -11.65 9.05
CA THR A 456 -4.67 -11.09 8.86
C THR A 456 -4.41 -9.87 9.71
N GLY A 457 -5.44 -9.11 10.04
CA GLY A 457 -5.25 -7.79 10.60
C GLY A 457 -4.81 -6.84 9.48
N THR A 458 -4.40 -5.64 9.89
CA THR A 458 -3.86 -4.69 8.95
C THR A 458 -2.48 -5.12 8.49
N ILE A 459 -2.23 -5.02 7.18
CA ILE A 459 -0.93 -5.27 6.58
C ILE A 459 -0.45 -3.98 5.93
N LEU A 460 0.74 -3.53 6.30
CA LEU A 460 1.28 -2.30 5.75
C LEU A 460 1.67 -2.47 4.28
N SER A 461 1.88 -1.33 3.62
CA SER A 461 2.36 -1.34 2.25
C SER A 461 3.79 -1.83 2.18
N SER A 462 4.20 -2.25 0.99
CA SER A 462 5.55 -2.72 0.71
C SER A 462 5.95 -3.80 1.72
N SER A 463 5.06 -4.77 1.91
CA SER A 463 5.24 -5.76 2.97
C SER A 463 4.76 -7.13 2.47
N GLU A 464 5.04 -8.16 3.27
N GLU A 464 5.02 -8.14 3.30
CA GLU A 464 4.50 -9.48 2.99
CA GLU A 464 4.54 -9.48 3.06
C GLU A 464 4.06 -10.13 4.30
C GLU A 464 3.97 -10.03 4.36
N ALA A 465 2.94 -10.87 4.24
CA ALA A 465 2.41 -11.63 5.36
C ALA A 465 2.33 -13.09 4.94
N THR A 466 2.68 -13.99 5.85
CA THR A 466 2.70 -15.41 5.50
C THR A 466 2.20 -16.26 6.65
N ILE A 467 1.59 -17.39 6.30
CA ILE A 467 1.40 -18.50 7.20
C ILE A 467 2.05 -19.71 6.53
N THR A 468 2.61 -20.59 7.35
CA THR A 468 3.22 -21.82 6.87
C THR A 468 2.82 -22.94 7.83
N TYR A 469 2.40 -24.06 7.28
CA TYR A 469 2.01 -25.25 8.03
C TYR A 469 2.48 -26.48 7.26
N ARG A 470 2.76 -27.55 8.01
CA ARG A 470 3.17 -28.82 7.41
C ARG A 470 1.97 -29.74 7.22
N ILE A 471 1.92 -30.38 6.05
CA ILE A 471 0.91 -31.39 5.77
C ILE A 471 1.61 -32.73 5.58
N TYR A 472 0.88 -33.79 5.93
CA TYR A 472 1.30 -35.15 5.64
C TYR A 472 0.27 -35.81 4.73
N ALA A 473 0.75 -36.68 3.85
CA ALA A 473 -0.17 -37.56 3.12
C ALA A 473 -0.68 -38.68 4.03
N ASP A 474 -1.99 -38.95 3.95
CA ASP A 474 -2.67 -40.04 4.68
C ASP A 474 -2.77 -41.21 3.71
N LEU A 475 -1.81 -42.13 3.79
CA LEU A 475 -1.68 -43.15 2.76
C LEU A 475 -2.91 -44.04 2.68
N ASP A 476 -3.48 -44.42 3.83
CA ASP A 476 -4.63 -45.33 3.79
C ASP A 476 -5.85 -44.65 3.19
N TYR A 477 -6.06 -43.37 3.49
CA TYR A 477 -7.15 -42.64 2.86
C TYR A 477 -6.96 -42.59 1.35
N ILE A 478 -5.76 -42.24 0.89
CA ILE A 478 -5.47 -42.18 -0.54
C ILE A 478 -5.67 -43.54 -1.18
N GLN A 479 -5.24 -44.60 -0.50
CA GLN A 479 -5.45 -45.95 -1.03
C GLN A 479 -6.93 -46.25 -1.20
N ASN A 480 -7.74 -45.86 -0.23
CA ASN A 480 -9.14 -46.25 -0.19
C ASN A 480 -10.07 -45.31 -0.94
N ASN A 481 -9.55 -44.25 -1.55
CA ASN A 481 -10.39 -43.28 -2.23
C ASN A 481 -9.76 -42.91 -3.56
N ASP A 482 -10.59 -42.83 -4.61
CA ASP A 482 -10.12 -42.48 -5.93
C ASP A 482 -10.14 -40.96 -6.08
N ILE A 483 -9.20 -40.32 -5.39
CA ILE A 483 -9.09 -38.86 -5.40
C ILE A 483 -8.75 -38.36 -6.80
N PRO A 484 -9.40 -37.31 -7.29
CA PRO A 484 -9.00 -36.76 -8.59
C PRO A 484 -7.67 -36.03 -8.53
N VAL A 485 -6.99 -36.00 -9.65
CA VAL A 485 -5.75 -35.23 -9.76
C VAL A 485 -6.08 -33.85 -10.29
N ASN A 486 -5.15 -32.92 -10.13
CA ASN A 486 -5.28 -31.56 -10.65
C ASN A 486 -4.44 -31.45 -11.91
N THR A 487 -5.13 -31.36 -13.05
CA THR A 487 -4.48 -31.28 -14.35
C THR A 487 -4.40 -29.86 -14.89
N THR A 488 -4.83 -28.87 -14.13
CA THR A 488 -4.84 -27.48 -14.59
C THR A 488 -3.76 -26.61 -13.97
N SER A 489 -3.48 -26.74 -12.69
CA SER A 489 -2.46 -25.91 -12.09
C SER A 489 -1.08 -26.21 -12.64
N ALA A 490 -0.25 -25.17 -12.75
CA ALA A 490 1.09 -25.31 -13.31
C ALA A 490 2.21 -25.02 -12.32
N ILE A 491 1.89 -24.83 -11.03
CA ILE A 491 2.94 -24.38 -10.10
C ILE A 491 3.69 -25.52 -9.41
N GLY A 492 3.26 -26.76 -9.55
CA GLY A 492 3.96 -27.87 -8.96
C GLY A 492 3.71 -27.94 -7.46
N PRO A 493 4.62 -28.59 -6.72
CA PRO A 493 5.92 -29.12 -7.19
C PRO A 493 5.84 -30.29 -8.16
N ASP A 494 4.72 -31.03 -8.16
CA ASP A 494 4.57 -32.18 -9.06
C ASP A 494 3.38 -31.95 -9.97
N LEU A 495 3.65 -31.55 -11.22
CA LEU A 495 2.56 -31.36 -12.17
C LEU A 495 1.71 -32.61 -12.28
N GLY A 496 0.40 -32.43 -12.33
CA GLY A 496 -0.53 -33.54 -12.41
C GLY A 496 -0.79 -34.28 -11.11
N GLY A 497 -0.28 -33.79 -9.98
CA GLY A 497 -0.46 -34.45 -8.72
C GLY A 497 -1.79 -34.17 -8.08
N PHE A 498 -1.88 -34.57 -6.81
CA PHE A 498 -3.04 -34.30 -5.99
C PHE A 498 -3.00 -32.87 -5.51
N ASP A 499 -4.17 -32.24 -5.41
CA ASP A 499 -4.27 -30.95 -4.74
C ASP A 499 -3.84 -31.06 -3.28
N THR A 500 -3.09 -30.06 -2.80
CA THR A 500 -2.96 -29.88 -1.35
C THR A 500 -4.13 -29.09 -0.78
N ASN A 501 -4.72 -28.22 -1.58
CA ASN A 501 -5.83 -27.37 -1.16
C ASN A 501 -7.02 -27.58 -2.09
N THR A 502 -8.23 -27.58 -1.53
CA THR A 502 -9.41 -27.58 -2.39
C THR A 502 -9.66 -26.17 -2.91
N GLU A 503 -9.42 -25.17 -2.07
N GLU A 503 -9.43 -25.17 -2.06
CA GLU A 503 -9.53 -23.79 -2.52
CA GLU A 503 -9.61 -23.77 -2.42
C GLU A 503 -9.05 -22.90 -1.39
C GLU A 503 -8.96 -22.94 -1.33
N ALA A 504 -8.31 -21.85 -1.72
CA ALA A 504 -7.85 -20.87 -0.77
C ALA A 504 -8.11 -19.50 -1.39
N LYS A 505 -8.63 -18.60 -0.57
CA LYS A 505 -9.10 -17.30 -1.06
C LYS A 505 -8.80 -16.24 -0.01
N LEU A 506 -8.40 -15.06 -0.48
CA LEU A 506 -8.29 -13.91 0.38
C LEU A 506 -9.46 -12.98 0.08
N THR A 507 -10.21 -12.61 1.13
CA THR A 507 -11.21 -11.55 1.06
C THR A 507 -10.70 -10.40 1.91
N TYR A 508 -10.67 -9.20 1.35
CA TYR A 508 -10.00 -8.14 2.09
C TYR A 508 -10.60 -6.77 1.82
N THR A 509 -10.26 -5.85 2.72
CA THR A 509 -10.58 -4.43 2.58
C THR A 509 -9.31 -3.71 2.15
N ASN A 510 -9.39 -3.00 1.02
CA ASN A 510 -8.20 -2.46 0.38
C ASN A 510 -7.78 -1.15 1.07
N SER A 511 -6.73 -0.54 0.55
CA SER A 511 -6.10 0.60 1.21
C SER A 511 -6.99 1.84 1.26
N ASN A 512 -8.08 1.86 0.50
CA ASN A 512 -9.04 2.96 0.59
C ASN A 512 -10.34 2.57 1.27
N GLY A 513 -10.38 1.40 1.91
CA GLY A 513 -11.54 1.02 2.68
C GLY A 513 -12.64 0.33 1.89
N GLU A 514 -12.35 -0.13 0.68
CA GLU A 514 -13.33 -0.86 -0.10
C GLU A 514 -13.25 -2.34 0.31
N SER A 515 -14.35 -2.85 0.87
CA SER A 515 -14.40 -4.21 1.40
C SER A 515 -14.78 -5.23 0.31
N ASN A 516 -14.69 -6.50 0.69
CA ASN A 516 -15.06 -7.63 -0.16
C ASN A 516 -14.24 -7.74 -1.45
N GLN A 517 -12.99 -7.27 -1.44
CA GLN A 517 -12.07 -7.52 -2.53
C GLN A 517 -11.59 -8.97 -2.42
N GLN A 518 -11.41 -9.65 -3.55
CA GLN A 518 -11.17 -11.09 -3.45
C GLN A 518 -10.09 -11.53 -4.41
N LEU A 519 -9.20 -12.38 -3.92
CA LEU A 519 -8.11 -12.92 -4.71
C LEU A 519 -8.01 -14.41 -4.39
N ILE A 520 -7.84 -15.23 -5.42
CA ILE A 520 -7.79 -16.67 -5.27
C ILE A 520 -6.34 -17.12 -5.33
N PHE A 521 -5.94 -17.94 -4.37
CA PHE A 521 -4.57 -18.43 -4.34
C PHE A 521 -4.34 -19.52 -5.40
N PRO A 522 -3.10 -19.64 -5.86
CA PRO A 522 -2.71 -20.80 -6.69
C PRO A 522 -2.86 -22.11 -5.93
N ARG A 523 -2.84 -23.20 -6.70
CA ARG A 523 -3.16 -24.53 -6.19
C ARG A 523 -1.96 -25.46 -6.31
N PRO A 524 -1.22 -25.70 -5.22
CA PRO A 524 -0.11 -26.64 -5.27
C PRO A 524 -0.59 -28.06 -5.55
N THR A 525 0.26 -28.82 -6.23
CA THR A 525 -0.04 -30.21 -6.53
C THR A 525 1.16 -31.08 -6.19
N VAL A 526 0.92 -32.28 -5.64
CA VAL A 526 2.01 -33.09 -5.12
C VAL A 526 1.75 -34.55 -5.46
N LYS A 527 2.84 -35.28 -5.64
CA LYS A 527 2.82 -36.75 -5.72
C LYS A 527 3.61 -37.33 -4.55
N LEU A 528 3.07 -38.38 -3.95
CA LEU A 528 3.73 -39.04 -2.83
C LEU A 528 5.09 -39.59 -3.27
N GLY A 529 6.05 -39.54 -2.35
CA GLY A 529 7.39 -40.05 -2.62
C GLY A 529 7.66 -41.44 -2.05
N TYR A 530 6.86 -41.87 -1.07
CA TYR A 530 7.08 -43.15 -0.39
C TYR A 530 5.77 -43.84 -0.07
N GLY A 531 5.72 -45.16 -0.29
CA GLY A 531 4.59 -45.98 0.07
C GLY A 531 4.97 -47.00 1.13
N VAL A 532 3.99 -47.86 1.43
CA VAL A 532 4.18 -48.93 2.39
C VAL A 532 3.55 -50.21 1.86
N ILE A 533 4.01 -51.34 2.39
CA ILE A 533 3.38 -52.64 2.15
C ILE A 533 3.19 -53.28 3.50
N LYS A 534 1.93 -53.48 3.87
CA LYS A 534 1.57 -54.11 5.12
C LYS A 534 1.37 -55.60 4.86
N ARG A 535 1.86 -56.42 5.79
CA ARG A 535 1.65 -57.87 5.77
C ARG A 535 0.72 -58.24 6.91
N HIS A 536 -0.36 -58.93 6.58
CA HIS A 536 -1.35 -59.37 7.56
C HIS A 536 -1.33 -60.90 7.62
N TYR A 537 -1.65 -61.43 8.79
CA TYR A 537 -1.54 -62.86 9.09
C TYR A 537 -2.87 -63.31 9.67
N VAL A 538 -3.67 -63.98 8.84
CA VAL A 538 -5.07 -64.22 9.17
C VAL A 538 -5.45 -65.68 9.05
N LEU A 539 -6.58 -66.00 9.65
CA LEU A 539 -7.04 -67.37 9.86
C LEU A 539 -8.05 -67.77 8.79
N VAL A 540 -7.84 -68.95 8.21
CA VAL A 540 -8.85 -69.59 7.37
C VAL A 540 -9.18 -70.95 7.95
N ASN A 541 -10.33 -71.47 7.56
CA ASN A 541 -10.67 -72.81 8.00
C ASN A 541 -10.05 -73.85 7.07
N LYS A 542 -10.42 -75.12 7.36
CA LYS A 542 -10.04 -76.28 6.57
C LYS A 542 -10.27 -76.16 5.08
N ASP A 543 -11.35 -75.51 4.69
CA ASP A 543 -11.76 -75.38 3.33
C ASP A 543 -11.23 -74.09 2.74
N GLY A 544 -10.30 -73.44 3.43
CA GLY A 544 -9.66 -72.27 2.86
C GLY A 544 -10.48 -71.00 2.98
N GLN A 545 -11.52 -71.00 3.80
CA GLN A 545 -12.39 -69.84 3.90
C GLN A 545 -11.93 -68.94 5.03
N PRO A 546 -11.95 -67.62 4.83
CA PRO A 546 -11.68 -66.71 5.94
C PRO A 546 -12.72 -66.85 7.03
N ILE A 547 -12.26 -66.87 8.27
CA ILE A 547 -13.12 -67.16 9.41
C ILE A 547 -12.71 -66.28 10.58
N GLN A 548 -13.67 -66.03 11.46
CA GLN A 548 -13.35 -65.52 12.78
C GLN A 548 -12.78 -66.65 13.64
N ALA A 549 -12.33 -66.31 14.83
CA ALA A 549 -11.71 -67.30 15.70
C ALA A 549 -12.66 -68.42 16.07
N ASN A 550 -13.97 -68.15 16.08
CA ASN A 550 -14.95 -69.17 16.45
C ASN A 550 -15.43 -69.96 15.25
N GLY A 551 -14.90 -69.70 14.07
CA GLY A 551 -15.19 -70.49 12.89
C GLY A 551 -16.21 -69.89 11.96
N THR A 552 -16.83 -68.77 12.32
CA THR A 552 -17.85 -68.26 11.43
C THR A 552 -17.20 -67.65 10.19
N VAL A 553 -17.67 -68.10 9.03
CA VAL A 553 -17.13 -67.68 7.74
C VAL A 553 -17.43 -66.22 7.51
N VAL A 554 -16.47 -65.50 6.91
CA VAL A 554 -16.63 -64.10 6.57
C VAL A 554 -16.35 -63.93 5.08
N SER A 555 -16.67 -62.74 4.57
CA SER A 555 -16.65 -62.50 3.14
C SER A 555 -15.27 -62.26 2.58
N SER A 556 -14.32 -61.85 3.42
CA SER A 556 -13.01 -61.46 2.91
C SER A 556 -11.95 -61.69 3.98
N LEU A 557 -10.72 -61.87 3.51
CA LEU A 557 -9.60 -62.10 4.42
C LEU A 557 -9.36 -60.91 5.32
N SER A 558 -9.69 -59.70 4.85
CA SER A 558 -9.49 -58.54 5.70
C SER A 558 -10.40 -58.57 6.93
N GLU A 559 -11.42 -59.41 6.92
CA GLU A 559 -12.29 -59.57 8.07
C GLU A 559 -11.92 -60.75 8.95
N ALA A 560 -10.96 -61.56 8.53
CA ALA A 560 -10.68 -62.79 9.24
C ALA A 560 -9.88 -62.51 10.50
N HIS A 561 -9.91 -63.48 11.40
CA HIS A 561 -9.18 -63.40 12.65
C HIS A 561 -7.69 -63.18 12.42
N VAL A 562 -7.15 -62.22 13.14
CA VAL A 562 -5.72 -61.89 13.06
C VAL A 562 -4.95 -62.78 14.03
N LEU A 563 -3.95 -63.50 13.50
CA LEU A 563 -3.18 -64.46 14.30
C LEU A 563 -1.87 -63.91 14.81
N GLN A 564 -1.35 -62.88 14.18
CA GLN A 564 -0.01 -62.37 14.43
C GLN A 564 -0.03 -60.90 14.04
N SER A 565 0.67 -60.06 14.79
CA SER A 565 0.64 -58.63 14.53
C SER A 565 1.02 -58.31 13.09
N GLN A 566 0.26 -57.40 12.48
CA GLN A 566 0.64 -56.88 11.17
C GLN A 566 2.04 -56.30 11.24
N ASP A 567 2.80 -56.45 10.15
CA ASP A 567 4.12 -55.84 10.07
C ASP A 567 4.28 -55.24 8.68
N PHE A 568 5.41 -54.57 8.47
CA PHE A 568 5.70 -53.92 7.20
C PHE A 568 6.81 -54.66 6.47
N PHE A 569 6.76 -54.55 5.15
CA PHE A 569 7.73 -55.14 4.24
C PHE A 569 8.61 -54.04 3.68
N LEU A 570 9.92 -54.28 3.68
CA LEU A 570 10.89 -53.36 3.08
C LEU A 570 11.72 -54.12 2.05
N PRO A 571 11.70 -53.74 0.79
CA PRO A 571 12.46 -54.47 -0.22
C PRO A 571 13.94 -54.12 -0.11
N SER A 572 14.74 -54.79 -0.93
CA SER A 572 16.15 -54.47 -1.03
C SER A 572 16.36 -53.34 -2.04
N GLY A 573 17.54 -52.76 -2.01
CA GLY A 573 17.89 -51.64 -2.86
C GLY A 573 17.95 -50.34 -2.08
N GLY A 574 18.52 -49.34 -2.72
CA GLY A 574 18.65 -48.04 -2.11
C GLY A 574 17.40 -47.22 -2.25
N GLY A 575 17.36 -46.14 -1.47
CA GLY A 575 16.29 -45.19 -1.56
C GLY A 575 15.19 -45.38 -0.54
N HIS A 576 15.07 -46.58 0.02
CA HIS A 576 14.04 -46.83 1.01
C HIS A 576 14.48 -46.35 2.38
N ILE A 577 13.50 -46.05 3.21
CA ILE A 577 13.74 -45.47 4.52
C ILE A 577 13.17 -46.39 5.58
N VAL A 578 14.04 -46.91 6.45
CA VAL A 578 13.60 -47.78 7.53
C VAL A 578 12.58 -47.03 8.36
N PRO A 579 11.58 -47.70 8.94
CA PRO A 579 11.36 -49.14 8.85
C PRO A 579 10.44 -49.62 7.71
N LYS A 580 9.71 -48.70 7.08
CA LYS A 580 8.59 -49.11 6.24
C LYS A 580 8.40 -48.32 4.95
N TRP A 581 9.21 -47.31 4.66
CA TRP A 581 8.91 -46.37 3.57
C TRP A 581 9.59 -46.78 2.27
N ILE A 582 8.78 -47.24 1.32
CA ILE A 582 9.26 -47.72 0.03
C ILE A 582 9.25 -46.57 -0.96
N LYS A 583 10.42 -46.21 -1.47
CA LYS A 583 10.53 -45.12 -2.43
C LYS A 583 9.73 -45.41 -3.69
N LEU A 584 8.94 -44.41 -4.11
CA LEU A 584 8.04 -44.55 -5.22
C LEU A 584 8.61 -43.88 -6.47
N ASP A 585 8.19 -44.38 -7.64
CA ASP A 585 8.53 -43.74 -8.91
C ASP A 585 7.41 -42.74 -9.23
N LYS A 586 7.70 -41.46 -9.06
CA LYS A 586 6.69 -40.44 -9.25
C LYS A 586 6.34 -40.20 -10.71
N THR A 587 7.16 -40.69 -11.63
CA THR A 587 6.94 -40.40 -13.04
C THR A 587 5.95 -41.34 -13.68
N THR A 588 5.36 -42.25 -12.90
CA THR A 588 4.39 -43.17 -13.46
C THR A 588 3.25 -43.42 -12.49
N GLU A 589 2.09 -43.76 -13.07
CA GLU A 589 0.94 -44.20 -12.32
C GLU A 589 0.82 -45.72 -12.33
N ALA A 590 1.73 -46.42 -13.01
CA ALA A 590 1.70 -47.87 -13.03
C ALA A 590 2.23 -48.40 -11.70
N LEU A 591 1.53 -49.38 -11.13
CA LEU A 591 2.00 -49.96 -9.88
C LEU A 591 3.40 -50.53 -10.06
N GLN A 592 4.24 -50.30 -9.07
CA GLN A 592 5.52 -50.97 -8.93
C GLN A 592 5.31 -52.18 -8.03
N TYR A 593 5.63 -53.37 -8.54
CA TYR A 593 5.33 -54.61 -7.83
C TYR A 593 6.55 -55.12 -7.09
N TYR A 594 6.31 -55.63 -5.88
CA TYR A 594 7.35 -56.20 -5.06
C TYR A 594 6.98 -57.64 -4.69
N SER A 595 8.01 -58.47 -4.49
CA SER A 595 7.85 -59.89 -4.14
C SER A 595 7.87 -60.01 -2.62
N VAL A 596 6.71 -60.23 -2.03
CA VAL A 596 6.52 -60.06 -0.60
C VAL A 596 6.33 -61.43 0.05
N PRO A 597 7.20 -61.85 0.95
CA PRO A 597 6.99 -63.11 1.66
C PRO A 597 6.44 -62.85 3.05
N PRO A 598 5.76 -63.83 3.65
CA PRO A 598 5.42 -63.71 5.07
C PRO A 598 6.69 -63.78 5.92
N THR A 599 6.65 -63.13 7.08
CA THR A 599 7.80 -63.22 7.98
C THR A 599 8.00 -64.65 8.47
N ASN A 600 6.92 -65.42 8.60
CA ASN A 600 7.06 -66.81 9.01
C ASN A 600 5.95 -67.63 8.38
N THR A 601 6.21 -68.93 8.26
CA THR A 601 5.23 -69.85 7.67
C THR A 601 4.54 -70.73 8.71
N VAL A 602 4.97 -70.66 9.96
CA VAL A 602 4.31 -71.30 11.07
C VAL A 602 4.12 -70.27 12.19
N ILE A 603 2.90 -70.22 12.72
CA ILE A 603 2.59 -69.32 13.82
C ILE A 603 2.11 -70.14 15.00
N THR A 604 2.70 -69.91 16.16
CA THR A 604 2.26 -70.52 17.40
C THR A 604 1.75 -69.42 18.31
N THR A 605 0.47 -69.50 18.67
CA THR A 605 -0.20 -68.47 19.46
C THR A 605 0.07 -68.66 20.95
N ALA A 606 -0.40 -67.70 21.74
CA ALA A 606 -0.18 -67.75 23.19
C ALA A 606 -0.87 -68.95 23.82
N ASP A 607 -2.05 -69.30 23.33
CA ASP A 607 -2.75 -70.47 23.85
C ASP A 607 -2.09 -71.82 23.43
N GLY A 608 -0.91 -71.80 22.79
CA GLY A 608 -0.25 -73.02 22.39
C GLY A 608 -0.70 -73.60 21.06
N LYS A 609 -1.75 -73.04 20.44
CA LYS A 609 -2.21 -73.51 19.14
C LYS A 609 -1.21 -73.12 18.06
N ARG A 610 -1.11 -73.97 17.04
CA ARG A 610 -0.17 -73.76 15.95
C ARG A 610 -0.90 -73.72 14.62
N TYR A 611 -0.44 -72.82 13.75
CA TYR A 611 -1.09 -72.51 12.48
C TYR A 611 -0.06 -72.57 11.36
N ARG A 612 -0.44 -73.17 10.23
CA ARG A 612 0.49 -73.30 9.14
C ARG A 612 0.01 -72.54 7.92
N PHE A 613 0.98 -71.99 7.20
CA PHE A 613 0.69 -71.16 6.04
C PHE A 613 0.05 -71.96 4.93
N VAL A 614 -0.97 -71.36 4.31
CA VAL A 614 -1.67 -71.97 3.19
C VAL A 614 -1.94 -70.90 2.13
N GLU A 615 -2.10 -71.34 0.89
CA GLU A 615 -2.46 -70.46 -0.22
C GLU A 615 -3.89 -70.81 -0.61
N VAL A 616 -4.79 -69.86 -0.44
CA VAL A 616 -6.22 -70.10 -0.68
C VAL A 616 -6.73 -68.99 -1.58
N PRO A 617 -7.96 -69.08 -2.06
CA PRO A 617 -8.49 -68.02 -2.94
C PRO A 617 -8.42 -66.67 -2.26
N GLY A 618 -7.90 -65.69 -2.99
CA GLY A 618 -7.77 -64.34 -2.50
C GLY A 618 -6.55 -64.08 -1.65
N SER A 619 -5.85 -65.11 -1.19
CA SER A 619 -4.76 -64.88 -0.24
C SER A 619 -3.45 -64.71 -0.99
N THR A 620 -2.49 -64.14 -0.28
CA THR A 620 -1.21 -63.82 -0.88
C THR A 620 -0.30 -65.04 -0.86
N PRO A 621 0.23 -65.48 -1.99
CA PRO A 621 1.13 -66.64 -1.99
C PRO A 621 2.48 -66.27 -1.42
N ASN A 622 3.32 -67.29 -1.27
CA ASN A 622 4.65 -67.11 -0.69
C ASN A 622 5.74 -67.34 -1.74
N PRO A 623 6.35 -66.29 -2.28
CA PRO A 623 6.02 -64.88 -2.06
C PRO A 623 4.91 -64.42 -3.01
N GLY A 624 4.41 -63.21 -2.78
CA GLY A 624 3.34 -62.67 -3.56
C GLY A 624 3.66 -61.28 -4.09
N GLN A 625 3.15 -61.00 -5.29
CA GLN A 625 3.33 -59.72 -5.94
C GLN A 625 2.37 -58.70 -5.34
N ILE A 626 2.92 -57.63 -4.75
CA ILE A 626 2.15 -56.54 -4.17
C ILE A 626 2.64 -55.25 -4.81
N GLY A 627 1.71 -54.44 -5.31
CA GLY A 627 2.04 -53.25 -6.10
C GLY A 627 1.57 -51.96 -5.43
N ILE A 628 2.40 -50.92 -5.56
CA ILE A 628 2.10 -49.60 -5.00
C ILE A 628 2.51 -48.53 -6.01
N SER A 629 1.92 -47.34 -5.82
CA SER A 629 2.24 -46.19 -6.65
C SER A 629 1.99 -44.93 -5.84
N TRP A 630 2.31 -43.76 -6.42
CA TRP A 630 2.02 -42.51 -5.74
C TRP A 630 0.52 -42.26 -5.58
N LYS A 631 -0.30 -42.86 -6.45
N LYS A 631 -0.31 -42.86 -6.44
CA LYS A 631 -1.75 -42.74 -6.29
CA LYS A 631 -1.75 -42.74 -6.28
C LYS A 631 -2.34 -43.80 -5.37
C LYS A 631 -2.35 -43.82 -5.40
N LYS A 632 -1.69 -44.96 -5.26
CA LYS A 632 -2.20 -46.07 -4.45
C LYS A 632 -1.01 -46.57 -3.64
N PRO A 633 -0.69 -45.90 -2.54
CA PRO A 633 0.63 -46.08 -1.92
C PRO A 633 0.69 -47.05 -0.75
N ALA A 634 -0.41 -47.74 -0.44
CA ALA A 634 -0.48 -48.62 0.73
C ALA A 634 -0.95 -50.00 0.26
N GLY A 635 -0.01 -50.87 -0.05
CA GLY A 635 -0.34 -52.23 -0.38
C GLY A 635 -0.59 -53.09 0.86
N ASN A 636 -1.33 -54.19 0.67
CA ASN A 636 -1.69 -55.06 1.77
C ASN A 636 -1.60 -56.50 1.28
N ALA A 637 -0.76 -57.28 1.94
CA ALA A 637 -0.70 -58.73 1.73
C ALA A 637 -1.46 -59.42 2.84
N TYR A 638 -2.24 -60.43 2.45
CA TYR A 638 -3.01 -61.25 3.38
C TYR A 638 -2.48 -62.67 3.30
N PHE A 639 -1.68 -63.05 4.28
CA PHE A 639 -1.16 -64.42 4.38
C PHE A 639 -2.12 -65.23 5.24
N ALA A 640 -2.61 -66.34 4.68
CA ALA A 640 -3.60 -67.20 5.31
C ALA A 640 -2.93 -68.37 6.02
N TYR A 641 -3.48 -68.73 7.17
CA TYR A 641 -3.00 -69.83 7.98
C TYR A 641 -4.19 -70.64 8.45
N LYS A 642 -4.02 -71.97 8.51
CA LYS A 642 -5.01 -72.81 9.15
C LYS A 642 -4.42 -73.59 10.32
N LEU A 643 -5.32 -73.98 11.22
CA LEU A 643 -4.95 -74.71 12.41
C LEU A 643 -4.29 -76.03 12.06
N LEU A 644 -3.15 -76.29 12.71
CA LEU A 644 -2.56 -77.63 12.72
C LEU A 644 -3.19 -78.44 13.82
N ASN A 645 -3.90 -79.51 13.47
CA ASN A 645 -4.52 -80.37 14.47
C ASN A 645 -3.59 -81.52 14.80
N TYR A 646 -3.25 -81.69 16.07
CA TYR A 646 -2.41 -82.79 16.51
C TYR A 646 -3.24 -83.97 17.03
N TRP A 647 -4.55 -83.84 16.96
CA TRP A 647 -5.50 -84.93 17.18
C TRP A 647 -6.89 -84.40 16.89
MG MG B . 7.89 44.24 -3.86
P PO4 C . 7.87 47.08 -5.46
O1 PO4 C . 8.56 47.37 -6.81
O2 PO4 C . 6.36 46.95 -5.67
O3 PO4 C . 8.13 48.27 -4.56
O4 PO4 C . 8.46 45.88 -4.81
P PO4 D . 5.42 38.60 12.91
O1 PO4 D . 6.15 37.42 12.29
O2 PO4 D . 3.95 38.30 13.05
O3 PO4 D . 5.94 38.88 14.30
O4 PO4 D . 5.59 39.83 12.05
P PO4 E . -12.16 -62.43 15.50
O1 PO4 E . -12.23 -62.52 14.00
O2 PO4 E . -12.45 -63.77 16.13
O3 PO4 E . -13.19 -61.42 15.93
O4 PO4 E . -10.80 -61.94 15.94
CA CA F . 1.79 63.67 -7.58
#